data_6ZDZ
#
_entry.id   6ZDZ
#
_cell.length_a   103.481
_cell.length_b   103.481
_cell.length_c   112.474
_cell.angle_alpha   90.000
_cell.angle_beta   90.000
_cell.angle_gamma   90.000
#
_symmetry.space_group_name_H-M   'P 43 21 2'
#
loop_
_entity.id
_entity.type
_entity.pdbx_description
1 polymer 'alcohol dehydrogenase'
2 non-polymer 'SULFATE ION'
3 water water
#
_entity_poly.entity_id   1
_entity_poly.type   'polypeptide(L)'
_entity_poly.pdbx_seq_one_letter_code
;MTNLPTALITGASSGIGATYAERFARRGHNLVMVARDKVRMDVLASRLREETKVTIDVIQADLTQQKDLAEVETRLREDT
SIGILINNAGMGQSGAFVQQNAQSIDRLVMLNTTAPTRLAAAVAARFAQEGKGSIVNIGSVVGFAPELGMTIYGATKAFV
LFLSQGLNLELGPKGIYVQAVLPAATRTEIWSRAGMDINTLPEVMDVNELVDAALIGFDRKELVTIPPLHVAERWNELDQ
ARQGLMSEIRQAHAAERYLPQALEHHHHHH
;
_entity_poly.pdbx_strand_id   A,B
#
loop_
_chem_comp.id
_chem_comp.type
_chem_comp.name
_chem_comp.formula
SO4 non-polymer 'SULFATE ION' 'O4 S -2'
#
# COMPACT_ATOMS: atom_id res chain seq x y z
N THR A 2 -25.11 4.76 28.50
CA THR A 2 -23.81 4.35 27.98
C THR A 2 -23.19 5.47 27.14
N ASN A 3 -21.88 5.60 27.21
CA ASN A 3 -21.16 6.61 26.45
C ASN A 3 -21.23 6.31 24.95
N LEU A 4 -21.77 7.25 24.18
CA LEU A 4 -21.65 7.18 22.73
C LEU A 4 -20.47 8.05 22.36
N PRO A 5 -19.38 7.49 21.86
CA PRO A 5 -18.16 8.28 21.64
C PRO A 5 -18.25 9.18 20.44
N THR A 6 -17.54 10.31 20.52
CA THR A 6 -17.40 11.20 19.38
C THR A 6 -16.70 10.47 18.25
N ALA A 7 -17.12 10.75 17.02
CA ALA A 7 -16.51 10.15 15.84
C ALA A 7 -15.84 11.23 15.01
N LEU A 8 -14.56 11.01 14.69
CA LEU A 8 -13.84 11.86 13.76
C LEU A 8 -13.89 11.20 12.38
N ILE A 9 -14.28 11.97 11.37
CA ILE A 9 -14.51 11.45 10.03
C ILE A 9 -13.74 12.32 9.04
N THR A 10 -12.87 11.69 8.26
CA THR A 10 -12.15 12.38 7.20
C THR A 10 -12.93 12.30 5.89
N GLY A 11 -12.64 13.24 5.01
CA GLY A 11 -13.43 13.38 3.79
C GLY A 11 -14.91 13.54 4.06
N ALA A 12 -15.26 14.29 5.11
CA ALA A 12 -16.63 14.40 5.57
C ALA A 12 -17.47 15.40 4.78
N SER A 13 -16.95 15.94 3.68
CA SER A 13 -17.66 16.98 2.95
C SER A 13 -18.65 16.43 1.94
N SER A 14 -18.49 15.19 1.49
CA SER A 14 -19.41 14.60 0.52
C SER A 14 -19.28 13.09 0.57
N GLY A 15 -20.13 12.42 -0.20
CA GLY A 15 -20.00 10.99 -0.43
C GLY A 15 -20.10 10.16 0.85
N ILE A 16 -19.18 9.21 0.98
CA ILE A 16 -19.22 8.27 2.10
C ILE A 16 -18.99 8.99 3.41
N GLY A 17 -18.04 9.93 3.44
CA GLY A 17 -17.77 10.67 4.66
C GLY A 17 -18.97 11.45 5.15
N ALA A 18 -19.64 12.17 4.23
CA ALA A 18 -20.82 12.93 4.62
C ALA A 18 -21.93 12.02 5.12
N THR A 19 -22.13 10.87 4.48
CA THR A 19 -23.17 9.95 4.90
C THR A 19 -22.87 9.35 6.27
N TYR A 20 -21.60 9.04 6.53
CA TYR A 20 -21.21 8.57 7.86
C TYR A 20 -21.52 9.61 8.93
N ALA A 21 -21.22 10.88 8.64
CA ALA A 21 -21.53 11.94 9.59
C ALA A 21 -23.02 12.02 9.89
N GLU A 22 -23.84 11.90 8.84
CA GLU A 22 -25.28 11.96 9.02
C GLU A 22 -25.80 10.81 9.87
N ARG A 23 -25.28 9.59 9.63
CA ARG A 23 -25.76 8.43 10.37
C ARG A 23 -25.35 8.51 11.83
N PHE A 24 -24.10 8.84 12.11
CA PHE A 24 -23.62 8.89 13.50
C PHE A 24 -24.29 10.02 14.27
N ALA A 25 -24.58 11.14 13.61
CA ALA A 25 -25.28 12.23 14.29
C ALA A 25 -26.69 11.82 14.68
N ARG A 26 -27.39 11.11 13.79
CA ARG A 26 -28.73 10.64 14.10
C ARG A 26 -28.71 9.57 15.18
N ARG A 27 -27.64 8.77 15.26
CA ARG A 27 -27.51 7.79 16.31
C ARG A 27 -27.22 8.41 17.67
N GLY A 28 -26.86 9.68 17.72
CA GLY A 28 -26.57 10.36 18.96
C GLY A 28 -25.10 10.64 19.19
N HIS A 29 -24.23 10.34 18.24
CA HIS A 29 -22.81 10.61 18.39
C HIS A 29 -22.49 12.07 18.07
N ASN A 30 -21.66 12.68 18.89
CA ASN A 30 -21.03 13.93 18.51
C ASN A 30 -20.00 13.67 17.42
N LEU A 31 -19.73 14.69 16.61
CA LEU A 31 -18.89 14.53 15.45
C LEU A 31 -17.70 15.49 15.48
N VAL A 32 -16.62 15.05 14.84
CA VAL A 32 -15.52 15.93 14.44
C VAL A 32 -15.36 15.71 12.95
N MET A 33 -15.79 16.69 12.17
CA MET A 33 -15.78 16.57 10.71
C MET A 33 -14.50 17.18 10.16
N VAL A 34 -13.76 16.39 9.39
CA VAL A 34 -12.49 16.80 8.81
C VAL A 34 -12.60 16.65 7.30
N ALA A 35 -12.34 17.74 6.57
CA ALA A 35 -12.37 17.70 5.13
C ALA A 35 -11.70 18.96 4.59
N ARG A 36 -11.28 18.87 3.33
CA ARG A 36 -10.71 20.02 2.63
C ARG A 36 -11.78 21.02 2.23
N ASP A 37 -12.98 20.54 1.90
CA ASP A 37 -14.08 21.40 1.46
C ASP A 37 -14.85 21.86 2.68
N LYS A 38 -14.52 23.07 3.16
CA LYS A 38 -15.19 23.60 4.34
C LYS A 38 -16.62 24.02 4.06
N VAL A 39 -16.89 24.51 2.85
CA VAL A 39 -18.21 25.04 2.53
C VAL A 39 -19.27 23.96 2.65
N ARG A 40 -19.01 22.79 2.08
CA ARG A 40 -19.97 21.68 2.19
C ARG A 40 -20.05 21.15 3.61
N MET A 41 -18.95 21.18 4.36
CA MET A 41 -18.99 20.74 5.75
C MET A 41 -19.90 21.63 6.58
N ASP A 42 -19.82 22.95 6.39
CA ASP A 42 -20.64 23.87 7.17
C ASP A 42 -22.12 23.71 6.83
N VAL A 43 -22.43 23.49 5.55
CA VAL A 43 -23.81 23.25 5.15
C VAL A 43 -24.33 21.99 5.82
N LEU A 44 -23.57 20.90 5.74
CA LEU A 44 -23.99 19.64 6.35
C LEU A 44 -24.07 19.76 7.88
N ALA A 45 -23.06 20.38 8.49
CA ALA A 45 -23.04 20.50 9.94
C ALA A 45 -24.24 21.30 10.45
N SER A 46 -24.57 22.40 9.77
CA SER A 46 -25.73 23.20 10.18
C SER A 46 -27.01 22.38 10.16
N ARG A 47 -27.21 21.57 9.11
CA ARG A 47 -28.41 20.75 9.03
C ARG A 47 -28.42 19.67 10.11
N LEU A 48 -27.27 19.03 10.34
CA LEU A 48 -27.21 17.95 11.33
C LEU A 48 -27.36 18.47 12.75
N ARG A 49 -26.84 19.67 13.03
CA ARG A 49 -27.04 20.27 14.36
C ARG A 49 -28.52 20.49 14.63
N GLU A 50 -29.26 21.01 13.65
CA GLU A 50 -30.68 21.28 13.86
C GLU A 50 -31.48 19.99 13.95
N GLU A 51 -31.14 18.99 13.14
CA GLU A 51 -31.92 17.75 13.11
C GLU A 51 -31.61 16.85 14.30
N THR A 52 -30.36 16.81 14.74
CA THR A 52 -29.92 15.81 15.71
C THR A 52 -29.48 16.37 17.06
N LYS A 53 -29.25 17.68 17.17
CA LYS A 53 -28.88 18.36 18.40
C LYS A 53 -27.55 17.88 18.97
N VAL A 54 -26.78 17.09 18.23
CA VAL A 54 -25.46 16.65 18.70
C VAL A 54 -24.46 17.77 18.48
N THR A 55 -23.28 17.64 19.08
CA THR A 55 -22.21 18.61 18.90
C THR A 55 -21.35 18.21 17.70
N ILE A 56 -21.05 19.16 16.83
CA ILE A 56 -20.28 18.91 15.63
C ILE A 56 -19.18 19.97 15.52
N ASP A 57 -17.93 19.54 15.55
CA ASP A 57 -16.79 20.42 15.33
C ASP A 57 -16.26 20.21 13.91
N VAL A 58 -16.10 21.31 13.19
CA VAL A 58 -15.71 21.29 11.78
C VAL A 58 -14.26 21.75 11.68
N ILE A 59 -13.40 20.88 11.15
CA ILE A 59 -11.98 21.17 10.96
C ILE A 59 -11.68 21.12 9.47
N GLN A 60 -11.29 22.26 8.91
CA GLN A 60 -10.80 22.31 7.53
C GLN A 60 -9.35 21.84 7.50
N ALA A 61 -9.05 20.89 6.63
CA ALA A 61 -7.71 20.30 6.60
C ALA A 61 -7.43 19.70 5.23
N ASP A 62 -6.32 20.10 4.63
CA ASP A 62 -5.78 19.43 3.44
C ASP A 62 -4.77 18.40 3.93
N LEU A 63 -5.19 17.13 3.95
CA LEU A 63 -4.35 16.09 4.52
C LEU A 63 -3.14 15.75 3.66
N THR A 64 -2.93 16.41 2.52
CA THR A 64 -1.65 16.34 1.83
C THR A 64 -0.64 17.33 2.40
N GLN A 65 -1.07 18.20 3.33
CA GLN A 65 -0.17 19.11 4.01
C GLN A 65 0.29 18.50 5.32
N GLN A 66 1.59 18.62 5.59
CA GLN A 66 2.12 18.14 6.86
C GLN A 66 1.51 18.91 8.03
N LYS A 67 1.38 20.23 7.88
CA LYS A 67 0.80 21.06 8.93
C LYS A 67 -0.62 20.62 9.29
N ASP A 68 -1.48 20.50 8.27
CA ASP A 68 -2.88 20.14 8.52
C ASP A 68 -3.00 18.74 9.10
N LEU A 69 -2.23 17.78 8.58
CA LEU A 69 -2.33 16.40 9.05
C LEU A 69 -1.88 16.27 10.50
N ALA A 70 -0.80 16.97 10.87
CA ALA A 70 -0.33 16.92 12.25
C ALA A 70 -1.34 17.53 13.22
N GLU A 71 -2.10 18.52 12.76
CA GLU A 71 -3.12 19.12 13.63
C GLU A 71 -4.25 18.14 13.90
N VAL A 72 -4.67 17.39 12.88
CA VAL A 72 -5.70 16.37 13.08
C VAL A 72 -5.17 15.25 13.96
N GLU A 73 -3.90 14.88 13.78
CA GLU A 73 -3.27 13.88 14.64
C GLU A 73 -3.33 14.31 16.11
N THR A 74 -2.98 15.57 16.37
CA THR A 74 -2.99 16.07 17.74
C THR A 74 -4.39 16.00 18.35
N ARG A 75 -5.40 16.37 17.56
CA ARG A 75 -6.78 16.32 18.04
C ARG A 75 -7.17 14.89 18.43
N LEU A 76 -6.77 13.91 17.63
CA LEU A 76 -7.08 12.52 17.95
C LEU A 76 -6.36 12.05 19.21
N ARG A 77 -5.13 12.54 19.43
N ARG A 77 -5.14 12.56 19.44
CA ARG A 77 -4.38 12.13 20.61
CA ARG A 77 -4.36 12.15 20.59
C ARG A 77 -4.97 12.71 21.89
C ARG A 77 -4.90 12.73 21.89
N GLU A 78 -5.34 13.99 21.86
CA GLU A 78 -5.71 14.70 23.06
C GLU A 78 -7.20 14.68 23.38
N ASP A 79 -8.07 14.54 22.38
CA ASP A 79 -9.51 14.54 22.62
C ASP A 79 -9.92 13.14 23.05
N THR A 80 -10.03 12.92 24.37
CA THR A 80 -10.38 11.61 24.91
C THR A 80 -11.81 11.22 24.63
N SER A 81 -12.66 12.15 24.18
CA SER A 81 -14.04 11.82 23.84
C SER A 81 -14.17 11.15 22.47
N ILE A 82 -13.14 11.22 21.64
CA ILE A 82 -13.17 10.59 20.33
C ILE A 82 -12.89 9.10 20.50
N GLY A 83 -13.90 8.27 20.26
CA GLY A 83 -13.75 6.83 20.37
C GLY A 83 -13.93 6.12 19.05
N ILE A 84 -14.17 6.87 17.98
CA ILE A 84 -14.38 6.31 16.65
C ILE A 84 -13.60 7.15 15.65
N LEU A 85 -12.83 6.49 14.80
CA LEU A 85 -12.10 7.13 13.70
C LEU A 85 -12.54 6.49 12.39
N ILE A 86 -13.04 7.31 11.48
CA ILE A 86 -13.46 6.87 10.16
C ILE A 86 -12.41 7.34 9.17
N ASN A 87 -11.56 6.41 8.71
CA ASN A 87 -10.50 6.73 7.74
C ASN A 87 -11.10 6.65 6.34
N ASN A 88 -11.58 7.78 5.85
CA ASN A 88 -12.26 7.87 4.56
C ASN A 88 -11.55 8.89 3.67
N ALA A 89 -11.40 8.53 2.40
CA ALA A 89 -10.83 9.44 1.41
C ALA A 89 -11.41 9.12 0.05
N GLY A 90 -12.08 10.09 -0.57
CA GLY A 90 -12.59 9.95 -1.91
C GLY A 90 -11.56 10.11 -3.01
N MET A 91 -10.29 10.21 -2.66
CA MET A 91 -9.23 10.48 -3.62
C MET A 91 -9.00 9.26 -4.51
N GLY A 92 -9.22 9.43 -5.82
CA GLY A 92 -9.00 8.36 -6.78
C GLY A 92 -7.90 8.67 -7.77
N GLN A 93 -7.74 7.80 -8.76
CA GLN A 93 -6.69 7.94 -9.76
C GLN A 93 -7.28 8.46 -11.06
N SER A 94 -6.54 9.36 -11.72
CA SER A 94 -6.99 10.01 -12.95
C SER A 94 -6.46 9.22 -14.14
N GLY A 95 -7.22 8.23 -14.58
CA GLY A 95 -6.91 7.53 -15.81
C GLY A 95 -5.80 6.50 -15.69
N ALA A 96 -4.89 6.50 -16.66
CA ALA A 96 -3.87 5.48 -16.76
C ALA A 96 -2.64 5.84 -15.95
N PHE A 97 -1.71 4.88 -15.84
CA PHE A 97 -0.52 5.07 -15.02
C PHE A 97 0.46 6.04 -15.67
N VAL A 98 0.62 5.97 -17.00
CA VAL A 98 1.53 6.85 -17.70
C VAL A 98 1.08 8.31 -17.65
N GLN A 99 -0.18 8.57 -17.29
CA GLN A 99 -0.67 9.93 -17.15
C GLN A 99 -0.45 10.50 -15.75
N GLN A 100 0.02 9.69 -14.82
CA GLN A 100 0.30 10.17 -13.47
C GLN A 100 1.63 10.91 -13.44
N ASN A 101 1.66 12.03 -12.73
CA ASN A 101 2.91 12.73 -12.46
C ASN A 101 3.29 12.57 -11.00
N ALA A 102 4.53 12.94 -10.69
CA ALA A 102 5.06 12.73 -9.35
C ALA A 102 4.17 13.38 -8.28
N GLN A 103 3.60 14.54 -8.60
CA GLN A 103 2.80 15.27 -7.62
C GLN A 103 1.48 14.56 -7.34
N SER A 104 0.82 14.04 -8.39
CA SER A 104 -0.43 13.32 -8.17
C SER A 104 -0.20 12.00 -7.46
N ILE A 105 0.95 11.35 -7.69
CA ILE A 105 1.29 10.14 -6.97
C ILE A 105 1.50 10.45 -5.49
N ASP A 106 2.24 11.53 -5.20
CA ASP A 106 2.44 11.97 -3.82
C ASP A 106 1.10 12.15 -3.10
N ARG A 107 0.19 12.88 -3.72
CA ARG A 107 -1.10 13.17 -3.08
C ARG A 107 -1.95 11.92 -2.96
N LEU A 108 -1.92 11.05 -3.98
CA LEU A 108 -2.73 9.84 -3.94
C LEU A 108 -2.27 8.90 -2.84
N VAL A 109 -0.96 8.68 -2.72
CA VAL A 109 -0.45 7.80 -1.68
C VAL A 109 -0.63 8.43 -0.30
N MET A 110 -0.41 9.74 -0.20
CA MET A 110 -0.55 10.42 1.09
C MET A 110 -1.98 10.32 1.62
N LEU A 111 -2.96 10.60 0.77
CA LEU A 111 -4.35 10.64 1.21
C LEU A 111 -4.91 9.25 1.48
N ASN A 112 -4.49 8.25 0.72
CA ASN A 112 -5.08 6.91 0.81
C ASN A 112 -4.25 5.94 1.63
N THR A 113 -3.04 6.32 2.04
CA THR A 113 -2.14 5.37 2.69
C THR A 113 -1.43 6.00 3.88
N THR A 114 -0.67 7.07 3.65
CA THR A 114 0.12 7.66 4.72
C THR A 114 -0.76 8.34 5.76
N ALA A 115 -1.76 9.11 5.31
CA ALA A 115 -2.64 9.80 6.26
C ALA A 115 -3.48 8.84 7.07
N PRO A 116 -4.15 7.83 6.50
CA PRO A 116 -4.90 6.89 7.35
C PRO A 116 -4.03 6.15 8.35
N THR A 117 -2.82 5.75 7.96
CA THR A 117 -1.94 5.05 8.89
C THR A 117 -1.52 5.94 10.04
N ARG A 118 -1.21 7.22 9.75
CA ARG A 118 -0.79 8.13 10.80
C ARG A 118 -1.93 8.48 11.74
N LEU A 119 -3.15 8.58 11.21
CA LEU A 119 -4.30 8.86 12.07
C LEU A 119 -4.59 7.68 12.99
N ALA A 120 -4.49 6.46 12.47
CA ALA A 120 -4.67 5.27 13.32
C ALA A 120 -3.61 5.23 14.42
N ALA A 121 -2.38 5.63 14.08
CA ALA A 121 -1.31 5.67 15.09
C ALA A 121 -1.59 6.73 16.15
N ALA A 122 -2.30 7.80 15.78
CA ALA A 122 -2.59 8.85 16.76
C ALA A 122 -3.57 8.37 17.82
N VAL A 123 -4.55 7.54 17.44
CA VAL A 123 -5.52 7.04 18.41
C VAL A 123 -5.14 5.69 19.01
N ALA A 124 -4.20 4.96 18.41
CA ALA A 124 -3.89 3.61 18.86
C ALA A 124 -3.42 3.60 20.31
N ALA A 125 -2.51 4.51 20.66
CA ALA A 125 -1.96 4.53 22.01
C ALA A 125 -3.04 4.87 23.03
N ARG A 126 -3.89 5.86 22.72
CA ARG A 126 -4.95 6.24 23.65
C ARG A 126 -6.02 5.15 23.74
N PHE A 127 -6.36 4.53 22.61
CA PHE A 127 -7.34 3.45 22.62
C PHE A 127 -6.85 2.26 23.44
N ALA A 128 -5.54 1.99 23.41
CA ALA A 128 -4.99 0.89 24.21
C ALA A 128 -5.04 1.23 25.70
N GLN A 129 -4.78 2.48 26.06
CA GLN A 129 -4.94 2.91 27.44
C GLN A 129 -6.36 2.66 27.94
N GLU A 130 -7.35 3.18 27.22
CA GLU A 130 -8.74 3.07 27.64
C GLU A 130 -9.30 1.66 27.48
N GLY A 131 -8.62 0.79 26.72
CA GLY A 131 -9.14 -0.54 26.48
C GLY A 131 -10.35 -0.58 25.59
N LYS A 132 -10.57 0.44 24.78
CA LYS A 132 -11.74 0.51 23.92
C LYS A 132 -11.44 1.45 22.76
N GLY A 133 -12.32 1.44 21.76
CA GLY A 133 -12.16 2.27 20.59
C GLY A 133 -12.39 1.53 19.30
N SER A 134 -12.68 2.27 18.23
CA SER A 134 -12.97 1.70 16.93
C SER A 134 -12.20 2.45 15.85
N ILE A 135 -11.62 1.69 14.92
CA ILE A 135 -10.96 2.25 13.75
C ILE A 135 -11.61 1.63 12.52
N VAL A 136 -12.27 2.46 11.72
CA VAL A 136 -12.94 2.01 10.51
C VAL A 136 -12.17 2.56 9.32
N ASN A 137 -11.55 1.67 8.56
CA ASN A 137 -10.76 2.02 7.39
C ASN A 137 -11.59 1.77 6.14
N ILE A 138 -11.78 2.80 5.32
CA ILE A 138 -12.55 2.69 4.09
C ILE A 138 -11.58 2.33 2.97
N GLY A 139 -11.59 1.05 2.59
CA GLY A 139 -10.81 0.59 1.46
C GLY A 139 -11.63 0.58 0.18
N SER A 140 -11.45 -0.43 -0.65
CA SER A 140 -12.20 -0.60 -1.88
C SER A 140 -11.96 -1.99 -2.43
N VAL A 141 -12.93 -2.50 -3.18
CA VAL A 141 -12.75 -3.78 -3.88
C VAL A 141 -11.77 -3.67 -5.03
N VAL A 142 -11.41 -2.45 -5.44
CA VAL A 142 -10.37 -2.28 -6.45
C VAL A 142 -9.06 -2.86 -5.97
N GLY A 143 -8.84 -2.87 -4.65
CA GLY A 143 -7.67 -3.53 -4.09
C GLY A 143 -7.59 -5.02 -4.38
N PHE A 144 -8.65 -5.61 -4.92
CA PHE A 144 -8.65 -6.99 -5.37
C PHE A 144 -8.49 -7.15 -6.87
N ALA A 145 -8.52 -6.05 -7.63
CA ALA A 145 -8.67 -6.10 -9.09
C ALA A 145 -7.68 -5.18 -9.78
N PRO A 146 -6.44 -5.63 -9.97
CA PRO A 146 -5.51 -4.89 -10.84
C PRO A 146 -5.93 -4.90 -12.31
N GLU A 147 -6.93 -5.70 -12.67
CA GLU A 147 -7.42 -5.72 -14.04
C GLU A 147 -8.22 -4.47 -14.41
N LEU A 148 -8.62 -3.67 -13.42
CA LEU A 148 -9.46 -2.50 -13.68
C LEU A 148 -8.68 -1.28 -14.17
N GLY A 149 -7.35 -1.34 -14.16
CA GLY A 149 -6.53 -0.26 -14.68
C GLY A 149 -6.35 0.92 -13.76
N MET A 150 -6.74 0.82 -12.49
CA MET A 150 -6.48 1.85 -11.50
C MET A 150 -5.36 1.36 -10.58
N THR A 151 -4.14 1.37 -11.12
CA THR A 151 -3.03 0.66 -10.51
C THR A 151 -2.65 1.26 -9.16
N ILE A 152 -2.35 2.56 -9.13
CA ILE A 152 -1.91 3.19 -7.89
C ILE A 152 -3.04 3.20 -6.86
N TYR A 153 -4.25 3.58 -7.30
CA TYR A 153 -5.38 3.62 -6.38
C TYR A 153 -5.66 2.25 -5.77
N GLY A 154 -5.75 1.22 -6.60
CA GLY A 154 -5.96 -0.12 -6.08
C GLY A 154 -4.83 -0.59 -5.17
N ALA A 155 -3.61 -0.16 -5.45
CA ALA A 155 -2.48 -0.52 -4.60
C ALA A 155 -2.63 0.10 -3.21
N THR A 156 -3.05 1.37 -3.14
CA THR A 156 -3.29 2.00 -1.85
C THR A 156 -4.42 1.31 -1.10
N LYS A 157 -5.40 0.78 -1.81
CA LYS A 157 -6.51 0.10 -1.15
C LYS A 157 -6.11 -1.28 -0.65
N ALA A 158 -5.23 -1.97 -1.38
CA ALA A 158 -4.64 -3.20 -0.87
C ALA A 158 -3.82 -2.92 0.38
N PHE A 159 -3.13 -1.77 0.40
CA PHE A 159 -2.45 -1.32 1.61
C PHE A 159 -3.43 -1.18 2.78
N VAL A 160 -4.57 -0.53 2.54
CA VAL A 160 -5.52 -0.26 3.62
C VAL A 160 -6.09 -1.56 4.17
N LEU A 161 -6.35 -2.54 3.32
CA LEU A 161 -6.88 -3.81 3.79
C LEU A 161 -5.86 -4.53 4.67
N PHE A 162 -4.61 -4.60 4.22
CA PHE A 162 -3.57 -5.24 5.02
C PHE A 162 -3.39 -4.50 6.35
N LEU A 163 -3.40 -3.17 6.31
CA LEU A 163 -3.29 -2.39 7.54
C LEU A 163 -4.40 -2.76 8.51
N SER A 164 -5.62 -2.90 8.03
CA SER A 164 -6.74 -3.25 8.89
C SER A 164 -6.56 -4.64 9.50
N GLN A 165 -6.12 -5.61 8.68
CA GLN A 165 -5.90 -6.95 9.20
C GLN A 165 -4.79 -6.97 10.25
N GLY A 166 -3.71 -6.22 9.99
CA GLY A 166 -2.63 -6.15 10.97
C GLY A 166 -3.04 -5.41 12.23
N LEU A 167 -3.77 -4.30 12.08
CA LEU A 167 -4.22 -3.55 13.25
C LEU A 167 -5.20 -4.35 14.09
N ASN A 168 -6.03 -5.18 13.46
CA ASN A 168 -6.93 -6.04 14.22
C ASN A 168 -6.16 -7.02 15.10
N LEU A 169 -5.18 -7.72 14.53
CA LEU A 169 -4.43 -8.69 15.30
C LEU A 169 -3.57 -8.03 16.38
N GLU A 170 -3.19 -6.77 16.19
CA GLU A 170 -2.37 -6.07 17.16
C GLU A 170 -3.20 -5.36 18.22
N LEU A 171 -4.30 -4.74 17.83
CA LEU A 171 -5.11 -3.94 18.74
C LEU A 171 -6.35 -4.65 19.25
N GLY A 172 -6.79 -5.70 18.57
CA GLY A 172 -7.94 -6.47 18.98
C GLY A 172 -7.85 -6.99 20.40
N PRO A 173 -6.77 -7.69 20.75
CA PRO A 173 -6.59 -8.16 22.14
C PRO A 173 -6.59 -7.04 23.16
N LYS A 174 -6.42 -5.79 22.75
CA LYS A 174 -6.43 -4.64 23.64
C LYS A 174 -7.82 -4.01 23.76
N GLY A 175 -8.84 -4.62 23.15
CA GLY A 175 -10.18 -4.10 23.21
C GLY A 175 -10.56 -3.17 22.08
N ILE A 176 -9.76 -3.08 21.03
CA ILE A 176 -9.97 -2.14 19.93
C ILE A 176 -10.59 -2.89 18.76
N TYR A 177 -11.63 -2.31 18.17
CA TYR A 177 -12.30 -2.86 17.00
C TYR A 177 -11.76 -2.18 15.76
N VAL A 178 -11.26 -2.98 14.82
CA VAL A 178 -10.70 -2.49 13.56
C VAL A 178 -11.49 -3.11 12.42
N GLN A 179 -12.21 -2.28 11.67
CA GLN A 179 -13.05 -2.73 10.58
C GLN A 179 -12.50 -2.23 9.25
N ALA A 180 -12.54 -3.10 8.25
CA ALA A 180 -12.22 -2.74 6.87
C ALA A 180 -13.50 -2.76 6.06
N VAL A 181 -13.87 -1.61 5.50
CA VAL A 181 -15.04 -1.49 4.64
C VAL A 181 -14.56 -1.36 3.21
N LEU A 182 -15.10 -2.19 2.32
CA LEU A 182 -14.62 -2.31 0.95
C LEU A 182 -15.78 -2.02 0.01
N PRO A 183 -16.02 -0.76 -0.33
CA PRO A 183 -17.09 -0.43 -1.28
C PRO A 183 -16.73 -0.86 -2.70
N ALA A 184 -17.76 -0.86 -3.54
CA ALA A 184 -17.56 -1.13 -4.95
C ALA A 184 -16.97 0.09 -5.66
N ALA A 185 -16.51 -0.11 -6.88
CA ALA A 185 -15.99 0.98 -7.69
C ALA A 185 -17.07 2.03 -7.93
N THR A 186 -17.16 3.00 -7.03
CA THR A 186 -18.21 4.00 -7.09
C THR A 186 -17.66 5.41 -6.87
N PRO A 202 -24.43 0.82 -16.35
CA PRO A 202 -23.53 0.53 -15.22
C PRO A 202 -24.02 1.13 -13.92
N GLU A 203 -25.10 0.56 -13.35
CA GLU A 203 -25.71 1.10 -12.15
C GLU A 203 -24.89 0.69 -10.93
N VAL A 204 -24.39 1.69 -10.20
CA VAL A 204 -23.62 1.45 -8.99
C VAL A 204 -24.54 1.56 -7.78
N MET A 205 -23.98 1.37 -6.59
CA MET A 205 -24.77 1.34 -5.37
C MET A 205 -25.02 2.75 -4.85
N ASP A 206 -26.18 2.95 -4.23
CA ASP A 206 -26.48 4.19 -3.54
C ASP A 206 -25.57 4.35 -2.33
N VAL A 207 -25.09 5.57 -2.11
CA VAL A 207 -24.19 5.81 -0.98
C VAL A 207 -24.91 5.57 0.34
N ASN A 208 -26.23 5.74 0.37
CA ASN A 208 -26.99 5.43 1.57
C ASN A 208 -27.06 3.93 1.79
N GLU A 209 -27.25 3.16 0.72
CA GLU A 209 -27.19 1.71 0.82
C GLU A 209 -25.83 1.24 1.32
N LEU A 210 -24.76 1.83 0.79
CA LEU A 210 -23.41 1.39 1.12
C LEU A 210 -23.10 1.63 2.60
N VAL A 211 -23.44 2.81 3.12
CA VAL A 211 -23.09 3.15 4.49
C VAL A 211 -23.99 2.41 5.47
N ASP A 212 -25.27 2.24 5.12
CA ASP A 212 -26.17 1.46 5.97
C ASP A 212 -25.70 0.01 6.07
N ALA A 213 -25.22 -0.56 4.96
CA ALA A 213 -24.68 -1.91 5.00
C ALA A 213 -23.39 -1.97 5.82
N ALA A 214 -22.52 -0.97 5.66
CA ALA A 214 -21.28 -0.94 6.43
C ALA A 214 -21.54 -0.84 7.92
N LEU A 215 -22.61 -0.14 8.31
CA LEU A 215 -22.94 -0.02 9.72
C LEU A 215 -23.54 -1.30 10.28
N ILE A 216 -24.24 -2.08 9.45
CA ILE A 216 -24.72 -3.38 9.89
C ILE A 216 -23.54 -4.27 10.26
N GLY A 217 -22.47 -4.24 9.46
CA GLY A 217 -21.25 -4.94 9.83
C GLY A 217 -20.55 -4.31 11.01
N PHE A 218 -20.64 -2.99 11.14
CA PHE A 218 -20.03 -2.30 12.27
C PHE A 218 -20.66 -2.74 13.59
N ASP A 219 -22.00 -2.89 13.60
CA ASP A 219 -22.68 -3.30 14.83
C ASP A 219 -22.45 -4.76 15.14
N ARG A 220 -22.29 -5.60 14.12
CA ARG A 220 -21.87 -6.98 14.34
C ARG A 220 -20.39 -7.08 14.68
N LYS A 221 -19.66 -5.97 14.64
CA LYS A 221 -18.20 -5.96 14.78
C LYS A 221 -17.54 -6.91 13.78
N GLU A 222 -18.06 -6.89 12.55
CA GLU A 222 -17.44 -7.64 11.46
C GLU A 222 -16.09 -7.02 11.11
N LEU A 223 -15.10 -7.88 10.87
CA LEU A 223 -13.75 -7.39 10.64
C LEU A 223 -13.55 -6.89 9.22
N VAL A 224 -14.11 -7.60 8.24
CA VAL A 224 -13.98 -7.23 6.82
C VAL A 224 -15.38 -7.20 6.23
N THR A 225 -15.85 -6.01 5.85
CA THR A 225 -17.22 -5.81 5.37
C THR A 225 -17.16 -5.39 3.90
N ILE A 226 -17.71 -6.25 3.04
CA ILE A 226 -17.72 -6.00 1.59
C ILE A 226 -19.17 -6.00 1.12
N PRO A 227 -19.85 -4.85 1.13
CA PRO A 227 -21.27 -4.81 0.78
C PRO A 227 -21.55 -5.34 -0.62
N PRO A 228 -20.77 -4.98 -1.65
CA PRO A 228 -21.09 -5.49 -2.99
C PRO A 228 -20.74 -6.95 -3.22
N LEU A 229 -20.17 -7.65 -2.26
CA LEU A 229 -19.81 -9.05 -2.43
C LEU A 229 -21.05 -9.92 -2.26
N HIS A 230 -21.41 -10.66 -3.32
CA HIS A 230 -22.62 -11.46 -3.29
C HIS A 230 -22.45 -12.72 -2.43
N VAL A 231 -21.28 -13.36 -2.52
CA VAL A 231 -21.00 -14.57 -1.78
C VAL A 231 -19.94 -14.25 -0.74
N ALA A 232 -20.36 -14.18 0.53
CA ALA A 232 -19.42 -13.87 1.61
C ALA A 232 -18.31 -14.90 1.71
N GLU A 233 -18.60 -16.14 1.29
CA GLU A 233 -17.58 -17.20 1.36
C GLU A 233 -16.37 -16.88 0.50
N ARG A 234 -16.57 -16.13 -0.59
CA ARG A 234 -15.46 -15.78 -1.47
C ARG A 234 -14.31 -15.11 -0.71
N TRP A 235 -14.65 -14.26 0.26
CA TRP A 235 -13.60 -13.62 1.05
C TRP A 235 -12.83 -14.65 1.87
N ASN A 236 -13.55 -15.51 2.58
CA ASN A 236 -12.90 -16.52 3.40
C ASN A 236 -12.03 -17.46 2.56
N GLU A 237 -12.47 -17.78 1.34
CA GLU A 237 -11.66 -18.58 0.45
C GLU A 237 -10.36 -17.86 0.10
N LEU A 238 -10.45 -16.57 -0.22
CA LEU A 238 -9.25 -15.78 -0.47
C LEU A 238 -8.34 -15.75 0.76
N ASP A 239 -8.93 -15.57 1.94
CA ASP A 239 -8.13 -15.58 3.17
C ASP A 239 -7.50 -16.94 3.40
N GLN A 240 -8.26 -18.01 3.15
CA GLN A 240 -7.70 -19.36 3.27
C GLN A 240 -6.57 -19.58 2.28
N ALA A 241 -6.77 -19.16 1.03
CA ALA A 241 -5.71 -19.28 0.03
C ALA A 241 -4.48 -18.50 0.45
N ARG A 242 -4.68 -17.31 1.05
CA ARG A 242 -3.56 -16.54 1.55
C ARG A 242 -2.80 -17.29 2.63
N GLN A 243 -3.53 -17.79 3.64
CA GLN A 243 -2.89 -18.55 4.70
C GLN A 243 -2.34 -19.87 4.19
N GLY A 244 -2.99 -20.46 3.18
CA GLY A 244 -2.45 -21.67 2.57
C GLY A 244 -1.11 -21.44 1.90
N LEU A 245 -0.91 -20.26 1.32
CA LEU A 245 0.38 -19.92 0.73
C LEU A 245 1.46 -19.81 1.80
N MET A 246 1.12 -19.18 2.94
CA MET A 246 2.11 -19.00 4.00
C MET A 246 2.51 -20.32 4.63
N SER A 247 1.65 -21.33 4.56
CA SER A 247 1.98 -22.64 5.12
C SER A 247 3.06 -23.35 4.32
N GLU A 248 3.31 -22.91 3.08
CA GLU A 248 4.34 -23.50 2.24
C GLU A 248 5.58 -22.61 2.12
N ILE A 249 5.72 -21.63 3.00
CA ILE A 249 6.88 -20.76 3.02
C ILE A 249 7.98 -21.43 3.83
N ARG A 250 9.07 -21.81 3.16
CA ARG A 250 10.25 -22.39 3.80
C ARG A 250 11.43 -21.49 3.49
N GLN A 251 11.87 -20.74 4.49
CA GLN A 251 12.83 -19.66 4.31
C GLN A 251 14.28 -20.14 4.24
N ALA A 252 14.55 -21.41 4.55
CA ALA A 252 15.94 -21.86 4.63
C ALA A 252 16.59 -21.89 3.25
N HIS A 253 15.84 -22.31 2.22
CA HIS A 253 16.42 -22.45 0.89
C HIS A 253 15.36 -22.10 -0.14
N ALA A 254 15.84 -21.68 -1.31
CA ALA A 254 14.94 -21.43 -2.43
C ALA A 254 14.32 -22.73 -2.92
N ALA A 255 13.13 -22.63 -3.51
CA ALA A 255 12.46 -23.79 -4.07
C ALA A 255 13.32 -24.43 -5.16
N GLU A 256 13.12 -25.75 -5.34
CA GLU A 256 13.94 -26.49 -6.30
C GLU A 256 13.75 -25.99 -7.73
N ARG A 257 12.59 -25.39 -8.02
CA ARG A 257 12.34 -24.88 -9.36
C ARG A 257 13.23 -23.69 -9.72
N TYR A 258 14.00 -23.17 -8.76
CA TYR A 258 14.96 -22.10 -9.02
C TYR A 258 16.40 -22.57 -8.86
N LEU A 259 16.64 -23.87 -8.96
CA LEU A 259 17.98 -24.43 -8.79
C LEU A 259 18.42 -25.19 -10.04
N THR B 2 22.76 0.20 -25.54
CA THR B 2 23.19 -0.76 -26.55
C THR B 2 23.55 -2.10 -25.93
N ASN B 3 23.28 -3.17 -26.69
CA ASN B 3 23.60 -4.54 -26.29
C ASN B 3 22.90 -4.93 -25.00
N LEU B 4 23.61 -4.83 -23.86
CA LEU B 4 23.02 -5.06 -22.55
C LEU B 4 22.61 -3.74 -21.91
N PRO B 5 21.33 -3.53 -21.58
CA PRO B 5 20.91 -2.23 -21.08
C PRO B 5 21.39 -1.98 -19.66
N THR B 6 21.67 -0.71 -19.37
CA THR B 6 22.04 -0.29 -18.03
C THR B 6 20.91 -0.55 -17.04
N ALA B 7 21.28 -0.95 -15.82
CA ALA B 7 20.33 -1.20 -14.75
C ALA B 7 20.54 -0.18 -13.64
N LEU B 8 19.45 0.48 -13.23
CA LEU B 8 19.46 1.34 -12.06
C LEU B 8 18.92 0.55 -10.87
N ILE B 9 19.63 0.59 -9.76
CA ILE B 9 19.32 -0.20 -8.58
C ILE B 9 19.29 0.71 -7.37
N THR B 10 18.17 0.72 -6.65
CA THR B 10 18.06 1.46 -5.41
C THR B 10 18.44 0.57 -4.23
N GLY B 11 18.82 1.20 -3.13
CA GLY B 11 19.35 0.45 -2.00
C GLY B 11 20.51 -0.44 -2.37
N ALA B 12 21.39 0.06 -3.25
CA ALA B 12 22.48 -0.73 -3.80
C ALA B 12 23.69 -0.85 -2.88
N SER B 13 23.60 -0.37 -1.64
CA SER B 13 24.76 -0.36 -0.76
C SER B 13 24.98 -1.67 -0.02
N SER B 14 23.94 -2.49 0.15
CA SER B 14 24.09 -3.76 0.86
C SER B 14 22.93 -4.66 0.49
N GLY B 15 22.99 -5.90 1.00
CA GLY B 15 21.87 -6.81 0.91
C GLY B 15 21.48 -7.15 -0.52
N ILE B 16 20.17 -7.12 -0.78
CA ILE B 16 19.64 -7.53 -2.07
C ILE B 16 20.13 -6.59 -3.17
N GLY B 17 20.12 -5.28 -2.90
CA GLY B 17 20.56 -4.32 -3.90
C GLY B 17 22.01 -4.53 -4.31
N ALA B 18 22.90 -4.73 -3.33
CA ALA B 18 24.30 -4.97 -3.63
C ALA B 18 24.47 -6.26 -4.41
N THR B 19 23.74 -7.31 -4.05
CA THR B 19 23.86 -8.58 -4.76
C THR B 19 23.35 -8.46 -6.19
N TYR B 20 22.25 -7.72 -6.38
CA TYR B 20 21.77 -7.44 -7.74
C TYR B 20 22.83 -6.69 -8.55
N ALA B 21 23.48 -5.70 -7.93
CA ALA B 21 24.53 -4.95 -8.62
C ALA B 21 25.67 -5.88 -9.03
N GLU B 22 26.06 -6.80 -8.14
CA GLU B 22 27.14 -7.73 -8.46
C GLU B 22 26.75 -8.66 -9.60
N ARG B 23 25.53 -9.17 -9.60
CA ARG B 23 25.11 -10.11 -10.63
C ARG B 23 25.02 -9.44 -12.00
N PHE B 24 24.38 -8.27 -12.06
CA PHE B 24 24.23 -7.59 -13.35
C PHE B 24 25.57 -7.11 -13.90
N ALA B 25 26.49 -6.69 -13.03
CA ALA B 25 27.80 -6.27 -13.49
C ALA B 25 28.57 -7.44 -14.10
N ARG B 26 28.51 -8.60 -13.47
CA ARG B 26 29.19 -9.78 -14.00
C ARG B 26 28.56 -10.25 -15.30
N ARG B 27 27.25 -10.02 -15.47
CA ARG B 27 26.58 -10.36 -16.72
C ARG B 27 26.97 -9.43 -17.86
N GLY B 28 27.59 -8.29 -17.57
CA GLY B 28 27.98 -7.34 -18.59
C GLY B 28 27.16 -6.06 -18.63
N HIS B 29 26.25 -5.86 -17.69
CA HIS B 29 25.45 -4.64 -17.66
C HIS B 29 26.21 -3.52 -17.00
N ASN B 30 26.12 -2.32 -17.59
CA ASN B 30 26.52 -1.12 -16.87
C ASN B 30 25.51 -0.83 -15.78
N LEU B 31 25.95 -0.15 -14.73
CA LEU B 31 25.13 0.06 -13.55
C LEU B 31 24.99 1.54 -13.23
N VAL B 32 23.86 1.87 -12.60
CA VAL B 32 23.67 3.12 -11.90
C VAL B 32 23.23 2.74 -10.48
N MET B 33 24.13 2.90 -9.51
CA MET B 33 23.87 2.49 -8.15
C MET B 33 23.35 3.67 -7.34
N VAL B 34 22.19 3.47 -6.70
CA VAL B 34 21.53 4.50 -5.92
C VAL B 34 21.36 3.98 -4.50
N ALA B 35 21.87 4.73 -3.52
CA ALA B 35 21.74 4.35 -2.12
C ALA B 35 22.09 5.54 -1.25
N ARG B 36 21.61 5.48 0.00
CA ARG B 36 21.94 6.50 0.98
C ARG B 36 23.37 6.34 1.50
N ASP B 37 23.85 5.10 1.58
CA ASP B 37 25.18 4.80 2.11
C ASP B 37 26.17 4.88 0.95
N LYS B 38 26.84 6.03 0.82
CA LYS B 38 27.80 6.21 -0.26
C LYS B 38 29.07 5.39 -0.03
N VAL B 39 29.48 5.23 1.23
CA VAL B 39 30.74 4.57 1.52
C VAL B 39 30.70 3.12 1.06
N ARG B 40 29.62 2.40 1.37
CA ARG B 40 29.51 1.02 0.94
C ARG B 40 29.32 0.92 -0.57
N MET B 41 28.65 1.89 -1.19
CA MET B 41 28.52 1.88 -2.64
C MET B 41 29.87 2.03 -3.32
N ASP B 42 30.71 2.93 -2.81
CA ASP B 42 32.02 3.15 -3.43
C ASP B 42 32.92 1.94 -3.30
N VAL B 43 32.88 1.26 -2.16
CA VAL B 43 33.67 0.04 -1.98
C VAL B 43 33.24 -1.02 -2.99
N LEU B 44 31.92 -1.25 -3.08
CA LEU B 44 31.41 -2.25 -4.01
C LEU B 44 31.69 -1.87 -5.46
N ALA B 45 31.44 -0.60 -5.81
CA ALA B 45 31.64 -0.15 -7.18
C ALA B 45 33.09 -0.29 -7.61
N SER B 46 34.03 0.07 -6.73
CA SER B 46 35.44 -0.04 -7.07
C SER B 46 35.82 -1.48 -7.39
N ARG B 47 35.34 -2.43 -6.57
CA ARG B 47 35.64 -3.83 -6.82
C ARG B 47 34.99 -4.33 -8.11
N LEU B 48 33.72 -3.94 -8.33
CA LEU B 48 33.01 -4.44 -9.51
C LEU B 48 33.59 -3.86 -10.80
N ARG B 49 34.09 -2.62 -10.76
CA ARG B 49 34.78 -2.06 -11.92
C ARG B 49 36.00 -2.90 -12.28
N GLU B 50 36.78 -3.30 -11.28
CA GLU B 50 37.99 -4.08 -11.53
C GLU B 50 37.67 -5.48 -12.01
N GLU B 51 36.65 -6.12 -11.42
CA GLU B 51 36.34 -7.51 -11.75
C GLU B 51 35.62 -7.62 -13.08
N THR B 52 34.73 -6.67 -13.39
CA THR B 52 33.82 -6.81 -14.51
C THR B 52 34.04 -5.80 -15.63
N LYS B 53 34.81 -4.74 -15.40
CA LYS B 53 35.15 -3.72 -16.39
C LYS B 53 33.94 -2.97 -16.93
N VAL B 54 32.76 -3.14 -16.32
CA VAL B 54 31.57 -2.41 -16.75
C VAL B 54 31.60 -1.00 -16.18
N THR B 55 30.74 -0.13 -16.67
CA THR B 55 30.62 1.23 -16.18
C THR B 55 29.63 1.28 -15.03
N ILE B 56 30.02 1.95 -13.94
CA ILE B 56 29.18 2.05 -12.75
C ILE B 56 29.13 3.52 -12.32
N ASP B 57 27.93 4.09 -12.33
CA ASP B 57 27.72 5.44 -11.81
C ASP B 57 27.10 5.34 -10.43
N VAL B 58 27.70 6.05 -9.47
CA VAL B 58 27.30 5.98 -8.07
C VAL B 58 26.57 7.28 -7.72
N ILE B 59 25.31 7.16 -7.31
CA ILE B 59 24.49 8.29 -6.92
C ILE B 59 24.11 8.13 -5.46
N GLN B 60 24.58 9.05 -4.61
CA GLN B 60 24.13 9.07 -3.22
C GLN B 60 22.78 9.78 -3.17
N ALA B 61 21.81 9.14 -2.52
CA ALA B 61 20.46 9.66 -2.51
C ALA B 61 19.70 9.14 -1.29
N ASP B 62 19.15 10.06 -0.52
CA ASP B 62 18.20 9.73 0.55
C ASP B 62 16.81 9.84 -0.05
N LEU B 63 16.21 8.70 -0.40
CA LEU B 63 14.94 8.70 -1.12
C LEU B 63 13.76 9.14 -0.25
N THR B 64 13.97 9.48 1.02
CA THR B 64 12.94 10.18 1.78
C THR B 64 12.98 11.69 1.54
N GLN B 65 13.98 12.18 0.82
CA GLN B 65 14.06 13.59 0.45
C GLN B 65 13.42 13.81 -0.92
N GLN B 66 12.62 14.86 -1.02
CA GLN B 66 12.01 15.21 -2.30
C GLN B 66 13.08 15.57 -3.33
N LYS B 67 14.10 16.32 -2.91
CA LYS B 67 15.18 16.70 -3.80
C LYS B 67 15.90 15.48 -4.36
N ASP B 68 16.34 14.58 -3.49
CA ASP B 68 17.09 13.40 -3.93
C ASP B 68 16.24 12.51 -4.82
N LEU B 69 14.98 12.28 -4.45
CA LEU B 69 14.12 11.39 -5.23
C LEU B 69 13.83 11.98 -6.62
N ALA B 70 13.64 13.30 -6.69
CA ALA B 70 13.40 13.93 -7.99
C ALA B 70 14.62 13.81 -8.89
N GLU B 71 15.82 13.81 -8.32
CA GLU B 71 17.02 13.65 -9.15
C GLU B 71 17.10 12.27 -9.76
N VAL B 72 16.77 11.23 -8.97
CA VAL B 72 16.79 9.87 -9.50
C VAL B 72 15.71 9.70 -10.57
N GLU B 73 14.55 10.32 -10.36
CA GLU B 73 13.50 10.30 -11.38
C GLU B 73 13.99 10.94 -12.68
N THR B 74 14.66 12.09 -12.57
CA THR B 74 15.16 12.77 -13.76
C THR B 74 16.17 11.91 -14.50
N ARG B 75 17.07 11.25 -13.78
CA ARG B 75 18.04 10.37 -14.42
C ARG B 75 17.35 9.23 -15.15
N LEU B 76 16.30 8.67 -14.55
CA LEU B 76 15.57 7.58 -15.20
C LEU B 76 14.84 8.04 -16.46
N ARG B 77 14.38 9.29 -16.49
CA ARG B 77 13.68 9.78 -17.68
C ARG B 77 14.64 10.05 -18.83
N GLU B 78 15.81 10.62 -18.52
CA GLU B 78 16.68 11.17 -19.56
C GLU B 78 17.75 10.20 -20.04
N ASP B 79 18.20 9.28 -19.19
CA ASP B 79 19.24 8.33 -19.58
C ASP B 79 18.58 7.19 -20.35
N THR B 80 18.62 7.26 -21.68
CA THR B 80 17.99 6.26 -22.52
C THR B 80 18.71 4.91 -22.48
N SER B 81 19.92 4.85 -21.93
CA SER B 81 20.63 3.58 -21.82
C SER B 81 20.12 2.73 -20.67
N ILE B 82 19.37 3.30 -19.74
CA ILE B 82 18.83 2.56 -18.61
C ILE B 82 17.61 1.78 -19.08
N GLY B 83 17.72 0.46 -19.12
CA GLY B 83 16.61 -0.38 -19.53
C GLY B 83 16.09 -1.30 -18.44
N ILE B 84 16.68 -1.20 -17.25
CA ILE B 84 16.30 -2.04 -16.12
C ILE B 84 16.21 -1.18 -14.87
N LEU B 85 15.10 -1.30 -14.15
CA LEU B 85 14.92 -0.63 -12.86
C LEU B 85 14.66 -1.67 -11.80
N ILE B 86 15.50 -1.69 -10.78
CA ILE B 86 15.34 -2.59 -9.64
C ILE B 86 14.86 -1.74 -8.47
N ASN B 87 13.57 -1.85 -8.16
CA ASN B 87 12.97 -1.10 -7.06
C ASN B 87 13.21 -1.88 -5.77
N ASN B 88 14.29 -1.56 -5.08
CA ASN B 88 14.71 -2.27 -3.88
C ASN B 88 14.83 -1.30 -2.71
N ALA B 89 14.39 -1.74 -1.54
CA ALA B 89 14.51 -0.95 -0.32
C ALA B 89 14.62 -1.89 0.86
N GLY B 90 15.74 -1.80 1.60
CA GLY B 90 15.92 -2.55 2.82
C GLY B 90 15.22 -1.99 4.03
N MET B 91 14.39 -0.96 3.84
CA MET B 91 13.74 -0.28 4.96
C MET B 91 12.66 -1.16 5.57
N GLY B 92 12.82 -1.48 6.86
CA GLY B 92 11.85 -2.28 7.58
C GLY B 92 11.18 -1.52 8.70
N GLN B 93 10.35 -2.20 9.49
CA GLN B 93 9.60 -1.59 10.58
C GLN B 93 10.24 -1.94 11.91
N SER B 94 10.27 -0.97 12.82
CA SER B 94 10.88 -1.14 14.14
C SER B 94 9.80 -1.51 15.15
N GLY B 95 9.55 -2.81 15.28
CA GLY B 95 8.69 -3.33 16.33
C GLY B 95 7.19 -3.19 16.09
N ALA B 96 6.46 -2.79 17.13
CA ALA B 96 5.00 -2.80 17.11
C ALA B 96 4.44 -1.49 16.55
N PHE B 97 3.13 -1.50 16.33
CA PHE B 97 2.48 -0.35 15.71
C PHE B 97 2.34 0.83 16.68
N VAL B 98 2.04 0.54 17.96
CA VAL B 98 1.89 1.60 18.94
C VAL B 98 3.20 2.34 19.19
N GLN B 99 4.33 1.74 18.81
CA GLN B 99 5.63 2.37 18.94
C GLN B 99 6.03 3.19 17.72
N GLN B 100 5.24 3.16 16.66
CA GLN B 100 5.54 3.95 15.47
C GLN B 100 5.16 5.41 15.69
N ASN B 101 6.01 6.31 15.23
CA ASN B 101 5.71 7.73 15.23
C ASN B 101 5.46 8.20 13.79
N ALA B 102 4.91 9.41 13.68
CA ALA B 102 4.54 9.94 12.37
C ALA B 102 5.74 9.97 11.43
N GLN B 103 6.93 10.27 11.95
CA GLN B 103 8.10 10.41 11.11
C GLN B 103 8.55 9.06 10.55
N SER B 104 8.54 8.01 11.38
CA SER B 104 8.93 6.69 10.90
C SER B 104 7.91 6.12 9.93
N ILE B 105 6.63 6.47 10.11
CA ILE B 105 5.61 6.05 9.16
C ILE B 105 5.83 6.74 7.81
N ASP B 106 6.10 8.05 7.84
CA ASP B 106 6.41 8.78 6.62
C ASP B 106 7.55 8.13 5.85
N ARG B 107 8.65 7.83 6.53
CA ARG B 107 9.83 7.28 5.86
C ARG B 107 9.57 5.86 5.38
N LEU B 108 8.84 5.07 6.15
CA LEU B 108 8.56 3.68 5.76
C LEU B 108 7.70 3.63 4.51
N VAL B 109 6.64 4.45 4.46
CA VAL B 109 5.77 4.47 3.29
C VAL B 109 6.49 5.10 2.10
N MET B 110 7.25 6.16 2.34
CA MET B 110 7.96 6.83 1.24
C MET B 110 8.96 5.88 0.58
N LEU B 111 9.76 5.19 1.37
CA LEU B 111 10.82 4.35 0.81
C LEU B 111 10.27 3.09 0.17
N ASN B 112 9.19 2.53 0.70
CA ASN B 112 8.66 1.25 0.26
C ASN B 112 7.46 1.36 -0.66
N THR B 113 6.91 2.56 -0.86
CA THR B 113 5.66 2.69 -1.61
C THR B 113 5.70 3.88 -2.57
N THR B 114 5.89 5.09 -2.03
CA THR B 114 5.83 6.28 -2.88
C THR B 114 7.03 6.35 -3.82
N ALA B 115 8.23 6.09 -3.30
CA ALA B 115 9.42 6.18 -4.16
C ALA B 115 9.44 5.11 -5.24
N PRO B 116 9.17 3.82 -4.96
CA PRO B 116 9.13 2.85 -6.07
C PRO B 116 8.07 3.19 -7.11
N THR B 117 6.91 3.68 -6.67
CA THR B 117 5.86 4.05 -7.61
C THR B 117 6.30 5.22 -8.49
N ARG B 118 6.95 6.21 -7.90
CA ARG B 118 7.41 7.36 -8.67
C ARG B 118 8.55 7.01 -9.60
N LEU B 119 9.44 6.10 -9.18
CA LEU B 119 10.53 5.68 -10.06
C LEU B 119 10.00 4.91 -11.26
N ALA B 120 9.03 4.02 -11.04
CA ALA B 120 8.41 3.31 -12.16
C ALA B 120 7.73 4.28 -13.11
N ALA B 121 7.10 5.33 -12.58
CA ALA B 121 6.48 6.33 -13.44
C ALA B 121 7.52 7.09 -14.24
N ALA B 122 8.73 7.24 -13.72
CA ALA B 122 9.79 7.94 -14.44
C ALA B 122 10.24 7.16 -15.67
N VAL B 123 10.26 5.83 -15.58
CA VAL B 123 10.69 5.01 -16.72
C VAL B 123 9.52 4.54 -17.59
N ALA B 124 8.30 4.61 -17.09
CA ALA B 124 7.16 4.04 -17.81
C ALA B 124 6.97 4.69 -19.17
N ALA B 125 7.00 6.02 -19.22
CA ALA B 125 6.77 6.73 -20.48
C ALA B 125 7.86 6.44 -21.49
N ARG B 126 9.12 6.43 -21.05
CA ARG B 126 10.22 6.15 -21.97
C ARG B 126 10.23 4.69 -22.41
N PHE B 127 9.95 3.77 -21.49
CA PHE B 127 9.91 2.36 -21.84
C PHE B 127 8.81 2.08 -22.87
N ALA B 128 7.68 2.77 -22.75
CA ALA B 128 6.61 2.62 -23.72
C ALA B 128 7.02 3.20 -25.07
N GLN B 129 7.75 4.32 -25.06
CA GLN B 129 8.31 4.88 -26.28
C GLN B 129 9.19 3.86 -27.00
N GLU B 130 10.18 3.32 -26.29
CA GLU B 130 11.12 2.38 -26.89
C GLU B 130 10.52 1.00 -27.12
N GLY B 131 9.36 0.71 -26.53
CA GLY B 131 8.77 -0.61 -26.67
C GLY B 131 9.51 -1.72 -25.97
N LYS B 132 10.32 -1.40 -24.96
CA LYS B 132 11.10 -2.40 -24.25
C LYS B 132 11.50 -1.83 -22.89
N GLY B 133 11.99 -2.70 -22.03
CA GLY B 133 12.39 -2.30 -20.69
C GLY B 133 11.90 -3.26 -19.62
N SER B 134 12.54 -3.23 -18.44
CA SER B 134 12.19 -4.13 -17.35
C SER B 134 12.08 -3.34 -16.05
N ILE B 135 11.04 -3.65 -15.28
CA ILE B 135 10.85 -3.09 -13.94
C ILE B 135 10.71 -4.25 -12.96
N VAL B 136 11.66 -4.37 -12.05
CA VAL B 136 11.66 -5.42 -11.04
C VAL B 136 11.39 -4.77 -9.68
N ASN B 137 10.26 -5.10 -9.08
CA ASN B 137 9.87 -4.56 -7.78
C ASN B 137 10.15 -5.60 -6.71
N ILE B 138 10.93 -5.21 -5.70
CA ILE B 138 11.28 -6.11 -4.60
C ILE B 138 10.22 -5.96 -3.52
N GLY B 139 9.32 -6.94 -3.45
CA GLY B 139 8.32 -6.98 -2.40
C GLY B 139 8.75 -7.82 -1.23
N SER B 140 7.81 -8.58 -0.65
CA SER B 140 8.11 -9.48 0.46
C SER B 140 6.91 -10.38 0.68
N VAL B 141 7.18 -11.58 1.21
CA VAL B 141 6.09 -12.48 1.60
C VAL B 141 5.33 -11.98 2.82
N VAL B 142 5.89 -11.00 3.54
CA VAL B 142 5.17 -10.39 4.66
C VAL B 142 3.86 -9.76 4.17
N GLY B 143 3.83 -9.31 2.92
CA GLY B 143 2.61 -8.81 2.31
C GLY B 143 1.48 -9.83 2.28
N PHE B 144 1.77 -11.10 2.57
CA PHE B 144 0.74 -12.13 2.69
C PHE B 144 0.38 -12.45 4.14
N ALA B 145 1.10 -11.88 5.11
CA ALA B 145 1.02 -12.35 6.49
C ALA B 145 0.92 -11.16 7.45
N PRO B 146 -0.30 -10.63 7.63
CA PRO B 146 -0.51 -9.68 8.73
C PRO B 146 -0.40 -10.31 10.11
N GLU B 147 -0.28 -11.64 10.19
CA GLU B 147 -0.09 -12.33 11.46
C GLU B 147 1.30 -12.15 12.03
N LEU B 148 2.25 -11.66 11.24
CA LEU B 148 3.63 -11.52 11.71
C LEU B 148 3.86 -10.27 12.56
N GLY B 149 2.87 -9.37 12.65
CA GLY B 149 3.00 -8.19 13.47
C GLY B 149 3.78 -7.05 12.86
N MET B 150 4.13 -7.13 11.57
CA MET B 150 4.76 -6.04 10.86
C MET B 150 3.73 -5.38 9.94
N THR B 151 2.81 -4.64 10.56
CA THR B 151 1.61 -4.19 9.88
C THR B 151 1.93 -3.20 8.76
N ILE B 152 2.63 -2.12 9.09
CA ILE B 152 2.90 -1.09 8.08
C ILE B 152 3.82 -1.63 7.00
N TYR B 153 4.89 -2.33 7.39
CA TYR B 153 5.83 -2.87 6.42
C TYR B 153 5.13 -3.85 5.48
N GLY B 154 4.39 -4.81 6.04
CA GLY B 154 3.65 -5.74 5.21
C GLY B 154 2.62 -5.05 4.32
N ALA B 155 2.02 -3.96 4.83
CA ALA B 155 1.06 -3.21 4.03
C ALA B 155 1.74 -2.57 2.82
N THR B 156 2.93 -1.99 3.02
CA THR B 156 3.66 -1.41 1.89
C THR B 156 4.04 -2.48 0.88
N LYS B 157 4.30 -3.71 1.34
CA LYS B 157 4.66 -4.78 0.41
C LYS B 157 3.45 -5.32 -0.33
N ALA B 158 2.28 -5.36 0.32
CA ALA B 158 1.05 -5.67 -0.40
C ALA B 158 0.76 -4.63 -1.46
N PHE B 159 1.07 -3.37 -1.15
CA PHE B 159 1.03 -2.30 -2.15
C PHE B 159 1.92 -2.65 -3.33
N VAL B 160 3.16 -3.06 -3.05
CA VAL B 160 4.14 -3.31 -4.12
C VAL B 160 3.69 -4.45 -5.02
N LEU B 161 3.07 -5.48 -4.43
CA LEU B 161 2.60 -6.60 -5.25
C LEU B 161 1.47 -6.16 -6.19
N PHE B 162 0.50 -5.41 -5.67
CA PHE B 162 -0.57 -4.91 -6.51
C PHE B 162 -0.04 -3.99 -7.60
N LEU B 163 0.92 -3.12 -7.25
CA LEU B 163 1.53 -2.25 -8.25
C LEU B 163 2.14 -3.05 -9.39
N SER B 164 2.86 -4.13 -9.06
CA SER B 164 3.47 -4.95 -10.10
C SER B 164 2.42 -5.62 -10.97
N GLN B 165 1.36 -6.14 -10.36
CA GLN B 165 0.29 -6.78 -11.13
C GLN B 165 -0.40 -5.78 -12.05
N GLY B 166 -0.67 -4.57 -11.55
CA GLY B 166 -1.30 -3.56 -12.37
C GLY B 166 -0.39 -3.06 -13.48
N LEU B 167 0.88 -2.84 -13.16
CA LEU B 167 1.83 -2.36 -14.18
C LEU B 167 2.05 -3.41 -15.25
N ASN B 168 2.01 -4.69 -14.90
CA ASN B 168 2.13 -5.75 -15.91
C ASN B 168 0.99 -5.66 -16.91
N LEU B 169 -0.25 -5.57 -16.43
CA LEU B 169 -1.40 -5.52 -17.33
C LEU B 169 -1.43 -4.23 -18.13
N GLU B 170 -0.82 -3.15 -17.61
CA GLU B 170 -0.84 -1.87 -18.29
C GLU B 170 0.35 -1.70 -19.23
N LEU B 171 1.54 -2.12 -18.80
CA LEU B 171 2.75 -1.91 -19.59
C LEU B 171 3.19 -3.14 -20.36
N GLY B 172 2.72 -4.33 -19.97
CA GLY B 172 3.05 -5.55 -20.65
C GLY B 172 2.76 -5.54 -22.15
N PRO B 173 1.53 -5.19 -22.53
CA PRO B 173 1.20 -5.13 -23.96
C PRO B 173 2.05 -4.16 -24.76
N LYS B 174 2.76 -3.24 -24.12
CA LYS B 174 3.66 -2.32 -24.82
C LYS B 174 5.10 -2.83 -24.87
N GLY B 175 5.34 -4.07 -24.44
CA GLY B 175 6.66 -4.64 -24.47
C GLY B 175 7.47 -4.49 -23.20
N ILE B 176 6.86 -4.08 -22.09
CA ILE B 176 7.56 -3.84 -20.84
C ILE B 176 7.37 -5.04 -19.92
N TYR B 177 8.46 -5.51 -19.34
CA TYR B 177 8.45 -6.63 -18.39
C TYR B 177 8.44 -6.08 -16.97
N VAL B 178 7.44 -6.48 -16.20
CA VAL B 178 7.28 -6.05 -14.80
C VAL B 178 7.28 -7.30 -13.93
N GLN B 179 8.29 -7.43 -13.08
CA GLN B 179 8.44 -8.59 -12.21
C GLN B 179 8.28 -8.19 -10.75
N ALA B 180 7.60 -9.04 -9.98
CA ALA B 180 7.51 -8.91 -8.54
C ALA B 180 8.32 -10.02 -7.89
N VAL B 181 9.34 -9.64 -7.12
CA VAL B 181 10.18 -10.57 -6.38
C VAL B 181 9.82 -10.46 -4.90
N LEU B 182 9.56 -11.61 -4.27
CA LEU B 182 9.01 -11.66 -2.91
C LEU B 182 9.93 -12.46 -2.00
N PRO B 183 10.92 -11.83 -1.39
CA PRO B 183 11.79 -12.54 -0.44
C PRO B 183 11.06 -12.86 0.85
N ALA B 184 11.66 -13.75 1.63
CA ALA B 184 11.14 -14.09 2.94
C ALA B 184 11.50 -13.00 3.96
N ALA B 185 10.86 -13.08 5.13
CA ALA B 185 11.12 -12.14 6.22
C ALA B 185 12.56 -12.24 6.71
N PRO B 202 16.74 -19.56 13.99
CA PRO B 202 16.04 -18.81 12.93
C PRO B 202 16.86 -18.71 11.65
N GLU B 203 17.00 -19.83 10.94
CA GLU B 203 17.85 -19.88 9.76
C GLU B 203 17.11 -19.25 8.57
N VAL B 204 17.67 -18.15 8.05
CA VAL B 204 17.10 -17.47 6.88
C VAL B 204 17.85 -17.90 5.63
N MET B 205 17.43 -17.38 4.48
CA MET B 205 18.03 -17.74 3.20
C MET B 205 19.27 -16.87 2.94
N ASP B 206 20.23 -17.47 2.24
CA ASP B 206 21.39 -16.71 1.80
C ASP B 206 20.96 -15.69 0.74
N VAL B 207 21.51 -14.47 0.85
CA VAL B 207 21.13 -13.42 -0.09
C VAL B 207 21.57 -13.77 -1.51
N ASN B 208 22.62 -14.57 -1.65
CA ASN B 208 23.05 -15.01 -2.98
C ASN B 208 22.05 -16.01 -3.57
N GLU B 209 21.52 -16.91 -2.75
CA GLU B 209 20.46 -17.81 -3.20
C GLU B 209 19.25 -17.03 -3.67
N LEU B 210 18.85 -16.03 -2.89
CA LEU B 210 17.62 -15.28 -3.18
C LEU B 210 17.73 -14.56 -4.52
N VAL B 211 18.85 -13.87 -4.75
CA VAL B 211 18.97 -13.09 -5.98
C VAL B 211 19.20 -14.01 -7.18
N ASP B 212 19.96 -15.09 -6.98
CA ASP B 212 20.11 -16.07 -8.06
C ASP B 212 18.78 -16.70 -8.43
N ALA B 213 17.94 -16.98 -7.43
CA ALA B 213 16.61 -17.51 -7.70
C ALA B 213 15.73 -16.47 -8.39
N ALA B 214 15.80 -15.22 -7.94
CA ALA B 214 15.00 -14.16 -8.56
C ALA B 214 15.42 -13.93 -10.00
N LEU B 215 16.72 -14.07 -10.30
CA LEU B 215 17.18 -13.87 -11.67
C LEU B 215 16.81 -15.04 -12.57
N ILE B 216 16.68 -16.25 -12.01
CA ILE B 216 16.18 -17.38 -12.79
C ILE B 216 14.78 -17.07 -13.29
N GLY B 217 13.94 -16.48 -12.43
CA GLY B 217 12.63 -16.02 -12.87
C GLY B 217 12.70 -14.82 -13.80
N PHE B 218 13.70 -13.96 -13.60
CA PHE B 218 13.87 -12.80 -14.47
C PHE B 218 14.15 -13.22 -15.91
N ASP B 219 14.95 -14.27 -16.09
CA ASP B 219 15.28 -14.72 -17.44
C ASP B 219 14.09 -15.42 -18.10
N ARG B 220 13.26 -16.11 -17.31
CA ARG B 220 12.02 -16.67 -17.81
C ARG B 220 10.94 -15.61 -18.02
N LYS B 221 11.21 -14.36 -17.65
CA LYS B 221 10.19 -13.30 -17.64
C LYS B 221 8.99 -13.72 -16.80
N GLU B 222 9.28 -14.36 -15.67
CA GLU B 222 8.24 -14.71 -14.70
C GLU B 222 7.68 -13.45 -14.07
N LEU B 223 6.35 -13.40 -13.93
CA LEU B 223 5.71 -12.18 -13.44
C LEU B 223 5.78 -12.06 -11.92
N VAL B 224 5.60 -13.17 -11.20
CA VAL B 224 5.63 -13.18 -9.74
C VAL B 224 6.59 -14.27 -9.30
N THR B 225 7.71 -13.88 -8.69
CA THR B 225 8.78 -14.79 -8.31
C THR B 225 8.87 -14.81 -6.79
N ILE B 226 8.55 -15.96 -6.19
CA ILE B 226 8.56 -16.13 -4.74
C ILE B 226 9.52 -17.25 -4.39
N PRO B 227 10.80 -16.97 -4.20
CA PRO B 227 11.79 -18.04 -3.96
C PRO B 227 11.46 -18.90 -2.74
N PRO B 228 11.06 -18.33 -1.60
CA PRO B 228 10.80 -19.19 -0.43
C PRO B 228 9.51 -19.99 -0.51
N LEU B 229 8.73 -19.87 -1.58
CA LEU B 229 7.49 -20.61 -1.71
C LEU B 229 7.79 -22.05 -2.15
N HIS B 230 7.43 -23.01 -1.32
CA HIS B 230 7.77 -24.41 -1.60
C HIS B 230 6.89 -24.99 -2.70
N VAL B 231 5.60 -24.65 -2.69
CA VAL B 231 4.65 -25.13 -3.69
C VAL B 231 4.22 -23.94 -4.53
N ALA B 232 4.71 -23.87 -5.78
CA ALA B 232 4.39 -22.76 -6.65
C ALA B 232 2.90 -22.64 -6.92
N GLU B 233 2.17 -23.76 -6.86
CA GLU B 233 0.74 -23.74 -7.13
C GLU B 233 -0.02 -22.86 -6.14
N ARG B 234 0.48 -22.74 -4.90
CA ARG B 234 -0.20 -21.94 -3.89
C ARG B 234 -0.43 -20.50 -4.37
N TRP B 235 0.54 -19.93 -5.09
CA TRP B 235 0.35 -18.58 -5.61
C TRP B 235 -0.79 -18.54 -6.63
N ASN B 236 -0.78 -19.48 -7.59
CA ASN B 236 -1.83 -19.50 -8.59
C ASN B 236 -3.20 -19.71 -7.96
N GLU B 237 -3.26 -20.54 -6.91
CA GLU B 237 -4.51 -20.72 -6.18
C GLU B 237 -4.94 -19.42 -5.52
N LEU B 238 -4.01 -18.72 -4.87
CA LEU B 238 -4.33 -17.44 -4.24
C LEU B 238 -4.83 -16.43 -5.27
N ASP B 239 -4.18 -16.36 -6.43
CA ASP B 239 -4.63 -15.45 -7.48
C ASP B 239 -6.01 -15.85 -7.99
N GLN B 240 -6.25 -17.16 -8.15
CA GLN B 240 -7.57 -17.64 -8.55
C GLN B 240 -8.63 -17.26 -7.52
N ALA B 241 -8.34 -17.45 -6.23
CA ALA B 241 -9.27 -17.07 -5.19
C ALA B 241 -9.58 -15.58 -5.23
N ARG B 242 -8.57 -14.76 -5.54
CA ARG B 242 -8.79 -13.33 -5.67
C ARG B 242 -9.78 -13.02 -6.78
N GLN B 243 -9.55 -13.58 -7.97
CA GLN B 243 -10.46 -13.36 -9.09
C GLN B 243 -11.84 -13.94 -8.83
N GLY B 244 -11.91 -15.04 -8.07
CA GLY B 244 -13.21 -15.58 -7.70
C GLY B 244 -14.04 -14.64 -6.85
N LEU B 245 -13.38 -13.85 -6.00
CA LEU B 245 -14.10 -12.86 -5.21
C LEU B 245 -14.68 -11.77 -6.09
N MET B 246 -13.91 -11.29 -7.07
CA MET B 246 -14.39 -10.24 -7.96
C MET B 246 -15.53 -10.71 -8.85
N SER B 247 -15.61 -12.02 -9.12
CA SER B 247 -16.71 -12.53 -9.93
C SER B 247 -18.05 -12.48 -9.20
N GLU B 248 -18.03 -12.34 -7.88
CA GLU B 248 -19.25 -12.23 -7.09
C GLU B 248 -19.51 -10.81 -6.60
N ILE B 249 -18.84 -9.81 -7.20
CA ILE B 249 -19.06 -8.42 -6.86
C ILE B 249 -20.24 -7.94 -7.69
N ARG B 250 -21.34 -7.60 -7.02
CA ARG B 250 -22.54 -7.08 -7.67
C ARG B 250 -22.78 -5.69 -7.09
N GLN B 251 -22.46 -4.67 -7.88
CA GLN B 251 -22.39 -3.30 -7.40
C GLN B 251 -23.74 -2.59 -7.35
N ALA B 252 -24.80 -3.18 -7.92
CA ALA B 252 -26.07 -2.48 -8.00
C ALA B 252 -26.72 -2.31 -6.63
N HIS B 253 -26.62 -3.33 -5.78
CA HIS B 253 -27.23 -3.31 -4.46
C HIS B 253 -26.34 -4.04 -3.47
N ALA B 254 -26.49 -3.70 -2.20
CA ALA B 254 -25.76 -4.38 -1.14
C ALA B 254 -26.19 -5.84 -1.07
N ALA B 255 -25.29 -6.69 -0.58
CA ALA B 255 -25.60 -8.09 -0.41
C ALA B 255 -26.79 -8.26 0.53
N GLU B 256 -27.54 -9.35 0.33
CA GLU B 256 -28.75 -9.57 1.10
C GLU B 256 -28.45 -9.76 2.58
N ARG B 257 -27.25 -10.22 2.92
CA ARG B 257 -26.86 -10.40 4.32
C ARG B 257 -26.70 -9.08 5.07
N TYR B 258 -26.80 -7.94 4.38
CA TYR B 258 -26.74 -6.63 5.01
C TYR B 258 -28.08 -5.90 4.94
N LEU B 259 -29.17 -6.64 4.78
CA LEU B 259 -30.52 -6.06 4.69
C LEU B 259 -30.62 -5.01 3.59
S SO4 C . -12.52 16.54 0.97
O1 SO4 C . -13.35 15.33 1.00
O2 SO4 C . -13.38 17.70 1.22
O3 SO4 C . -11.50 16.47 2.01
O4 SO4 C . -11.89 16.67 -0.33
S SO4 D . 20.65 2.42 1.74
O1 SO4 D . 20.13 3.27 0.68
O2 SO4 D . 19.85 2.61 2.95
O3 SO4 D . 20.58 1.02 1.32
O4 SO4 D . 22.04 2.79 2.01
#